data_4NWJ
#
_entry.id   4NWJ
#
_cell.length_a   73.637
_cell.length_b   82.841
_cell.length_c   89.145
_cell.angle_alpha   90.00
_cell.angle_beta   90.00
_cell.angle_gamma   90.00
#
_symmetry.space_group_name_H-M   'P 21 21 21'
#
loop_
_entity.id
_entity.type
_entity.pdbx_description
1 polymer '2,3-bisphosphoglycerate-independent phosphoglycerate mutase'
2 non-polymer 'MANGANESE (II) ION'
3 non-polymer '3-PHOSPHOGLYCERIC ACID'
4 water water
#
_entity_poly.entity_id   1
_entity_poly.type   'polypeptide(L)'
_entity_poly.pdbx_seq_one_letter_code
;HHHHHHGSMAKKPTALIILDGFANRESEHGNAVKLANKPNFDRYYNKYPTTQIEASGLDVGLPEGQMGNSEVGHMNIGAG
RIVYQSLTRINKSIEDGDFFENDVLNNAIAHVNSHDSALHIFGLLSDGGVHSHYKHLFALLELAKKQGVEKVYVHAFLDG
RDVDQKSALKYIEETEAKFNELGIGQFASVSGRYYAMDRDKRWEREEKAYNAIRNFDAPTYATAKEGVEASYNEGLTDEF
VVPFIVENQNDGVNDGDAVIFYNFRPDRAAQLSEIFANRAFEGFKVEQVKDLFYATFTKYNDNIDAAIVFEKVDLNNTIG
EIAQNNNLTQLRIAETEKYPHVTYFMSGGRNEEFKGERRRLIDSPKVATYDLKPEMSAYEVKDALLEELNKGDLDLIILN
FANPDMVGHSGMLEPTIKAIEAVDECLGEVVDKILDMDGYAIITADHGNSDQVLTDDDQPMTTHTTNPVPVIVTKEGVTL
RETGRLGDLAPTLLDLLNVEQPEDMTGESLIKH
;
_entity_poly.pdbx_strand_id   A
#
# COMPACT_ATOMS: atom_id res chain seq x y z
N ALA A 10 8.14 18.74 34.33
CA ALA A 10 7.63 18.18 33.05
C ALA A 10 8.58 18.59 31.88
N LYS A 11 8.85 17.67 30.98
CA LYS A 11 9.48 18.04 29.71
C LYS A 11 8.44 18.81 28.90
N LYS A 12 8.89 19.69 28.04
CA LYS A 12 8.05 20.28 27.02
C LYS A 12 7.72 19.30 25.88
N PRO A 13 6.45 18.92 25.74
CA PRO A 13 6.20 17.94 24.67
C PRO A 13 6.02 18.51 23.26
N THR A 14 6.49 17.76 22.26
CA THR A 14 6.03 17.97 20.89
C THR A 14 5.26 16.79 20.34
N ALA A 15 4.10 17.10 19.83
CA ALA A 15 3.19 16.09 19.33
C ALA A 15 2.77 16.32 17.88
N LEU A 16 2.79 15.23 17.16
CA LEU A 16 2.16 15.08 15.90
C LEU A 16 0.78 14.43 16.09
N ILE A 17 -0.23 15.12 15.57
CA ILE A 17 -1.62 14.75 15.73
C ILE A 17 -2.18 14.57 14.32
N ILE A 18 -2.40 13.30 13.96
CA ILE A 18 -2.89 12.85 12.70
C ILE A 18 -4.40 12.63 12.78
N LEU A 19 -5.15 13.43 12.03
CA LEU A 19 -6.59 13.24 11.89
C LEU A 19 -6.75 12.40 10.67
N ASP A 20 -6.95 11.09 10.89
CA ASP A 20 -6.86 10.17 9.77
C ASP A 20 -7.98 10.49 8.76
N GLY A 21 -7.65 10.57 7.47
CA GLY A 21 -8.62 10.69 6.42
C GLY A 21 -9.44 11.99 6.43
N PHE A 22 -8.74 13.12 6.45
CA PHE A 22 -9.29 14.47 6.78
C PHE A 22 -8.43 15.38 5.89
N ALA A 23 -9.08 15.94 4.85
CA ALA A 23 -8.36 16.80 3.90
C ALA A 23 -9.11 18.05 3.48
N ASN A 24 -8.37 18.89 2.73
CA ASN A 24 -8.89 20.11 2.15
C ASN A 24 -9.50 19.91 0.75
N ARG A 25 -10.76 20.34 0.62
CA ARG A 25 -11.51 20.21 -0.61
C ARG A 25 -12.40 21.43 -0.73
N GLU A 26 -12.46 21.96 -1.95
CA GLU A 26 -13.18 23.24 -2.15
C GLU A 26 -14.70 23.03 -2.04
N SER A 27 -15.22 22.07 -2.77
CA SER A 27 -16.64 21.75 -2.66
C SER A 27 -17.08 21.43 -1.19
N GLU A 28 -18.24 21.96 -0.78
CA GLU A 28 -18.84 21.63 0.48
C GLU A 28 -19.78 20.45 0.35
N HIS A 29 -20.15 20.09 -0.88
CA HIS A 29 -21.13 19.03 -1.09
C HIS A 29 -20.61 17.61 -0.66
N GLY A 30 -21.28 17.06 0.31
CA GLY A 30 -20.87 15.82 0.94
C GLY A 30 -19.53 15.96 1.68
N ASN A 31 -19.16 17.18 2.07
CA ASN A 31 -17.85 17.42 2.65
C ASN A 31 -18.00 17.51 4.15
N ALA A 32 -17.72 16.40 4.84
CA ALA A 32 -18.00 16.36 6.27
C ALA A 32 -17.04 17.25 7.07
N VAL A 33 -15.83 17.45 6.55
CA VAL A 33 -14.86 18.35 7.16
C VAL A 33 -15.45 19.75 7.24
N LYS A 34 -15.97 20.23 6.11
CA LYS A 34 -16.52 21.58 6.09
C LYS A 34 -17.88 21.69 6.77
N LEU A 35 -18.68 20.65 6.75
CA LEU A 35 -20.03 20.74 7.36
C LEU A 35 -20.02 20.57 8.88
N ALA A 36 -18.97 19.95 9.40
CA ALA A 36 -18.86 19.74 10.82
C ALA A 36 -18.58 21.03 11.58
N ASN A 37 -19.06 21.09 12.82
CA ASN A 37 -18.76 22.18 13.70
C ASN A 37 -17.47 21.87 14.41
N LYS A 38 -16.38 22.60 14.12
CA LYS A 38 -15.08 22.21 14.67
C LYS A 38 -14.41 23.42 15.24
N PRO A 39 -14.96 23.88 16.37
CA PRO A 39 -14.47 25.13 16.90
C PRO A 39 -13.00 25.05 17.37
N ASN A 40 -12.52 23.94 17.91
CA ASN A 40 -11.10 23.92 18.33
C ASN A 40 -10.15 23.96 17.12
N PHE A 41 -10.41 23.13 16.14
CA PHE A 41 -9.62 23.14 14.93
C PHE A 41 -9.60 24.56 14.34
N ASP A 42 -10.77 25.18 14.25
CA ASP A 42 -10.89 26.48 13.65
C ASP A 42 -10.13 27.50 14.44
N ARG A 43 -10.17 27.40 15.76
CA ARG A 43 -9.48 28.35 16.62
C ARG A 43 -7.97 28.21 16.43
N TYR A 44 -7.50 26.98 16.32
CA TYR A 44 -6.06 26.78 16.18
C TYR A 44 -5.63 27.22 14.79
N TYR A 45 -6.37 26.80 13.80
CA TYR A 45 -6.16 27.17 12.40
C TYR A 45 -6.08 28.71 12.24
N ASN A 46 -6.96 29.47 12.91
CA ASN A 46 -6.98 30.96 12.78
C ASN A 46 -5.91 31.67 13.57
N LYS A 47 -5.46 31.02 14.62
CA LYS A 47 -4.43 31.62 15.46
C LYS A 47 -2.99 31.32 15.02
N TYR A 48 -2.74 30.12 14.49
CA TYR A 48 -1.36 29.60 14.38
C TYR A 48 -1.04 29.48 12.94
N PRO A 49 0.26 29.34 12.63
CA PRO A 49 0.66 29.20 11.24
C PRO A 49 0.14 27.88 10.61
N THR A 50 -0.15 27.93 9.32
CA THR A 50 -0.92 26.93 8.63
C THR A 50 -0.33 26.77 7.23
N THR A 51 -0.40 25.57 6.65
CA THR A 51 -0.24 25.36 5.20
C THR A 51 -1.01 24.08 4.77
N GLN A 52 -0.72 23.58 3.58
CA GLN A 52 -1.41 22.41 3.07
C GLN A 52 -0.33 21.58 2.36
N ILE A 53 -0.33 20.26 2.51
CA ILE A 53 0.71 19.45 1.90
C ILE A 53 0.09 18.23 1.15
N GLU A 54 0.85 17.61 0.27
CA GLU A 54 0.31 16.58 -0.59
C GLU A 54 0.48 15.23 0.09
N ALA A 55 -0.53 14.39 -0.03
CA ALA A 55 -0.53 13.05 0.57
C ALA A 55 -1.00 11.93 -0.37
N SER A 56 -0.96 12.22 -1.65
CA SER A 56 -1.31 11.27 -2.68
C SER A 56 -0.31 11.32 -3.82
N GLY A 57 -0.36 10.31 -4.66
CA GLY A 57 0.52 10.26 -5.80
C GLY A 57 2.00 10.27 -5.53
N LEU A 58 2.72 10.97 -6.45
CA LEU A 58 4.19 10.87 -6.53
C LEU A 58 4.79 11.47 -5.24
N ASP A 59 4.12 12.45 -4.65
CA ASP A 59 4.58 13.03 -3.39
C ASP A 59 4.67 12.00 -2.23
N VAL A 60 3.97 10.87 -2.30
CA VAL A 60 4.13 9.83 -1.24
C VAL A 60 4.51 8.49 -1.82
N GLY A 61 5.14 8.49 -2.99
CA GLY A 61 5.68 7.28 -3.55
C GLY A 61 4.66 6.40 -4.27
N LEU A 62 3.53 6.98 -4.64
CA LEU A 62 2.54 6.30 -5.44
C LEU A 62 2.52 6.83 -6.86
N PRO A 63 1.80 6.12 -7.77
CA PRO A 63 1.56 6.64 -9.12
C PRO A 63 0.78 7.94 -9.13
N GLU A 64 1.11 8.75 -10.13
CA GLU A 64 0.35 9.95 -10.35
C GLU A 64 -1.12 9.63 -10.30
N GLY A 65 -1.88 10.42 -9.59
CA GLY A 65 -3.35 10.22 -9.58
C GLY A 65 -3.87 9.21 -8.58
N GLN A 66 -2.99 8.46 -7.92
CA GLN A 66 -3.43 7.46 -6.93
CA GLN A 66 -3.44 7.47 -6.93
C GLN A 66 -3.63 8.14 -5.56
N MET A 67 -4.86 8.02 -5.05
CA MET A 67 -5.19 8.44 -3.69
C MET A 67 -4.28 7.85 -2.60
N GLY A 68 -3.94 8.65 -1.60
CA GLY A 68 -3.16 8.19 -0.49
C GLY A 68 -3.88 7.13 0.32
N ASN A 69 -3.15 6.56 1.27
CA ASN A 69 -3.71 5.61 2.24
C ASN A 69 -2.97 5.60 3.57
N SER A 70 -3.52 4.89 4.54
CA SER A 70 -2.97 4.98 5.88
C SER A 70 -1.58 4.37 6.02
N GLU A 71 -1.34 3.28 5.30
CA GLU A 71 -0.08 2.55 5.45
C GLU A 71 1.03 3.34 4.77
N VAL A 72 0.79 3.74 3.55
CA VAL A 72 1.72 4.54 2.80
C VAL A 72 1.89 5.90 3.45
N GLY A 73 0.79 6.51 3.90
CA GLY A 73 0.84 7.74 4.67
C GLY A 73 1.74 7.72 5.90
N HIS A 74 1.51 6.75 6.79
CA HIS A 74 2.23 6.74 8.04
C HIS A 74 3.68 6.33 7.77
N MET A 75 3.95 5.52 6.74
CA MET A 75 5.35 5.25 6.35
C MET A 75 6.11 6.49 5.94
N ASN A 76 5.49 7.35 5.11
CA ASN A 76 6.12 8.56 4.63
C ASN A 76 6.28 9.53 5.81
N ILE A 77 5.28 9.62 6.66
CA ILE A 77 5.35 10.51 7.79
C ILE A 77 6.50 10.15 8.70
N GLY A 78 6.65 8.87 9.03
CA GLY A 78 7.68 8.51 9.97
C GLY A 78 9.06 8.60 9.35
N ALA A 79 9.15 8.42 8.06
CA ALA A 79 10.44 8.37 7.42
C ALA A 79 11.09 9.75 7.19
N GLY A 80 10.25 10.78 7.02
CA GLY A 80 10.71 12.07 6.58
C GLY A 80 11.39 12.07 5.23
N ARG A 81 10.84 11.30 4.31
CA ARG A 81 11.28 11.26 2.93
C ARG A 81 10.21 10.56 2.14
N ILE A 82 10.37 10.62 0.81
CA ILE A 82 9.42 9.91 -0.05
C ILE A 82 9.75 8.42 0.02
N VAL A 83 8.77 7.60 0.40
CA VAL A 83 9.00 6.14 0.49
C VAL A 83 8.30 5.52 -0.72
N TYR A 84 9.07 5.05 -1.69
CA TYR A 84 8.55 4.54 -2.92
C TYR A 84 7.94 3.18 -2.70
N GLN A 85 6.72 3.02 -3.12
CA GLN A 85 6.02 1.76 -2.98
C GLN A 85 6.34 0.93 -4.22
N SER A 86 6.00 -0.35 -4.16
CA SER A 86 6.47 -1.28 -5.18
C SER A 86 6.18 -0.95 -6.61
N LEU A 87 4.97 -0.51 -6.89
CA LEU A 87 4.58 -0.24 -8.27
C LEU A 87 5.44 0.88 -8.81
N THR A 88 5.56 1.97 -8.05
CA THR A 88 6.36 3.09 -8.53
C THR A 88 7.84 2.74 -8.62
N ARG A 89 8.31 2.00 -7.66
CA ARG A 89 9.70 1.55 -7.68
C ARG A 89 10.00 0.80 -8.96
N ILE A 90 9.09 -0.13 -9.30
CA ILE A 90 9.33 -1.01 -10.48
C ILE A 90 9.15 -0.18 -11.75
N ASN A 91 8.15 0.72 -11.77
CA ASN A 91 7.93 1.60 -12.91
C ASN A 91 9.18 2.44 -13.22
N LYS A 92 9.78 2.93 -12.14
CA LYS A 92 10.93 3.81 -12.30
C LYS A 92 12.15 3.00 -12.73
N SER A 93 12.26 1.78 -12.21
CA SER A 93 13.33 0.89 -12.61
C SER A 93 13.26 0.60 -14.13
N ILE A 94 12.06 0.40 -14.64
CA ILE A 94 11.84 0.23 -16.05
C ILE A 94 12.20 1.51 -16.80
N GLU A 95 11.72 2.65 -16.34
CA GLU A 95 12.03 3.92 -17.01
C GLU A 95 13.51 4.22 -17.05
N ASP A 96 14.26 4.02 -16.00
CA ASP A 96 15.63 4.44 -16.12
C ASP A 96 16.57 3.35 -16.53
N GLY A 97 16.08 2.14 -16.80
CA GLY A 97 16.94 1.07 -17.32
C GLY A 97 17.50 0.04 -16.35
N ASP A 98 17.57 0.35 -15.05
CA ASP A 98 18.16 -0.62 -14.12
C ASP A 98 17.44 -2.00 -14.21
N PHE A 99 16.16 -1.95 -14.61
CA PHE A 99 15.31 -3.18 -14.62
C PHE A 99 15.97 -4.22 -15.54
N PHE A 100 16.40 -3.74 -16.70
CA PHE A 100 17.01 -4.58 -17.73
C PHE A 100 18.43 -5.12 -17.37
N GLU A 101 19.01 -4.54 -16.31
CA GLU A 101 20.29 -4.95 -15.75
C GLU A 101 20.08 -5.74 -14.48
N ASN A 102 18.84 -6.01 -14.11
CA ASN A 102 18.59 -6.61 -12.78
C ASN A 102 19.24 -7.94 -12.68
N ASP A 103 19.93 -8.24 -11.58
CA ASP A 103 20.74 -9.44 -11.50
C ASP A 103 19.92 -10.68 -11.56
N VAL A 104 18.85 -10.65 -10.77
CA VAL A 104 17.99 -11.81 -10.63
C VAL A 104 17.27 -12.13 -11.95
N LEU A 105 16.73 -11.14 -12.63
CA LEU A 105 16.05 -11.44 -13.91
C LEU A 105 17.04 -12.02 -14.95
N ASN A 106 18.23 -11.41 -15.01
CA ASN A 106 19.27 -11.92 -15.92
C ASN A 106 19.81 -13.30 -15.59
N ASN A 107 19.88 -13.63 -14.30
CA ASN A 107 20.22 -15.03 -13.91
C ASN A 107 19.17 -16.04 -14.27
N ALA A 108 17.89 -15.63 -14.17
CA ALA A 108 16.79 -16.49 -14.52
C ALA A 108 16.89 -16.85 -16.03
N ILE A 109 17.13 -15.85 -16.85
CA ILE A 109 17.32 -15.97 -18.28
C ILE A 109 18.56 -16.82 -18.66
N ALA A 110 19.67 -16.60 -17.96
CA ALA A 110 20.90 -17.39 -18.16
C ALA A 110 20.69 -18.88 -17.83
N HIS A 111 19.94 -19.17 -16.77
CA HIS A 111 19.47 -20.54 -16.50
C HIS A 111 18.70 -21.14 -17.70
N VAL A 112 17.78 -20.37 -18.27
CA VAL A 112 17.01 -20.85 -19.41
C VAL A 112 17.94 -21.01 -20.63
N ASN A 113 18.73 -19.98 -20.92
CA ASN A 113 19.57 -20.03 -22.09
C ASN A 113 20.56 -21.17 -21.99
N SER A 114 21.17 -21.35 -20.84
CA SER A 114 22.16 -22.38 -20.66
C SER A 114 21.60 -23.81 -20.67
N HIS A 115 20.33 -24.00 -20.29
CA HIS A 115 19.69 -25.34 -20.40
C HIS A 115 18.91 -25.51 -21.70
N ASP A 116 18.88 -24.53 -22.58
CA ASP A 116 17.88 -24.53 -23.69
C ASP A 116 16.48 -25.01 -23.20
N SER A 117 16.02 -24.46 -22.07
CA SER A 117 14.78 -24.91 -21.47
C SER A 117 13.73 -23.82 -21.77
N ALA A 118 12.75 -23.62 -20.90
CA ALA A 118 11.71 -22.56 -21.16
C ALA A 118 11.58 -21.51 -20.04
N LEU A 119 11.29 -20.27 -20.41
CA LEU A 119 10.89 -19.25 -19.47
C LEU A 119 9.33 -19.13 -19.39
N HIS A 120 8.82 -19.32 -18.19
CA HIS A 120 7.47 -19.09 -17.88
C HIS A 120 7.32 -17.76 -17.12
N ILE A 121 6.28 -17.00 -17.43
CA ILE A 121 5.96 -15.77 -16.69
C ILE A 121 4.55 -15.90 -16.11
N PHE A 122 4.43 -15.68 -14.81
CA PHE A 122 3.12 -15.76 -14.11
C PHE A 122 2.79 -14.33 -13.68
N GLY A 123 1.53 -13.94 -13.79
CA GLY A 123 1.03 -12.76 -13.10
C GLY A 123 -0.43 -12.34 -13.44
N LEU A 124 -0.95 -11.45 -12.61
CA LEU A 124 -2.25 -10.77 -12.80
C LEU A 124 -2.18 -9.80 -14.00
N LEU A 125 -2.88 -10.17 -15.07
CA LEU A 125 -2.86 -9.47 -16.35
C LEU A 125 -3.89 -8.31 -16.40
N SER A 126 -3.60 -7.21 -15.72
CA SER A 126 -4.44 -6.02 -15.71
C SER A 126 -3.58 -4.85 -15.34
N ASP A 127 -4.14 -3.64 -15.47
CA ASP A 127 -3.54 -2.42 -14.93
C ASP A 127 -4.15 -2.06 -13.54
N GLY A 128 -4.72 -3.02 -12.84
CA GLY A 128 -5.23 -2.75 -11.47
C GLY A 128 -4.23 -2.04 -10.56
N GLY A 129 -3.01 -2.48 -10.54
CA GLY A 129 -2.02 -1.77 -9.80
C GLY A 129 -1.98 -2.12 -8.32
N VAL A 130 -2.90 -2.94 -7.82
CA VAL A 130 -2.84 -3.42 -6.43
C VAL A 130 -1.89 -4.62 -6.27
N HIS A 131 -2.00 -5.60 -7.15
CA HIS A 131 -1.15 -6.79 -7.07
C HIS A 131 -0.02 -6.90 -8.11
N SER A 132 -0.17 -6.19 -9.24
CA SER A 132 0.72 -6.29 -10.43
C SER A 132 0.43 -5.12 -11.32
N HIS A 133 1.23 -4.97 -12.37
CA HIS A 133 0.83 -4.18 -13.51
C HIS A 133 1.36 -4.93 -14.76
N TYR A 134 0.45 -5.10 -15.73
CA TYR A 134 0.73 -5.85 -16.97
C TYR A 134 1.81 -5.21 -17.83
N LYS A 135 2.07 -3.93 -17.62
CA LYS A 135 3.21 -3.32 -18.36
C LYS A 135 4.58 -3.82 -17.88
N HIS A 136 4.62 -4.45 -16.72
CA HIS A 136 5.77 -5.12 -16.23
C HIS A 136 5.96 -6.44 -16.95
N LEU A 137 4.86 -7.09 -17.36
CA LEU A 137 5.02 -8.21 -18.27
C LEU A 137 5.67 -7.77 -19.55
N PHE A 138 5.26 -6.65 -20.12
CA PHE A 138 5.80 -6.26 -21.38
C PHE A 138 7.29 -5.99 -21.29
N ALA A 139 7.72 -5.45 -20.15
CA ALA A 139 9.15 -5.19 -19.94
C ALA A 139 9.93 -6.49 -19.80
N LEU A 140 9.35 -7.52 -19.13
CA LEU A 140 9.98 -8.86 -19.15
C LEU A 140 10.09 -9.45 -20.56
N LEU A 141 9.05 -9.27 -21.37
CA LEU A 141 9.10 -9.74 -22.75
C LEU A 141 10.23 -9.08 -23.55
N GLU A 142 10.42 -7.78 -23.35
CA GLU A 142 11.48 -7.05 -24.00
C GLU A 142 12.84 -7.49 -23.51
N LEU A 143 12.99 -7.69 -22.20
CA LEU A 143 14.23 -8.22 -21.67
C LEU A 143 14.59 -9.63 -22.26
N ALA A 144 13.67 -10.59 -22.15
CA ALA A 144 13.86 -11.94 -22.75
C ALA A 144 14.25 -11.87 -24.25
N LYS A 145 13.53 -11.04 -25.01
CA LYS A 145 13.84 -10.84 -26.39
C LYS A 145 15.29 -10.35 -26.62
N LYS A 146 15.68 -9.33 -25.88
CA LYS A 146 17.02 -8.76 -25.89
C LYS A 146 18.11 -9.76 -25.52
N GLN A 147 17.79 -10.69 -24.63
CA GLN A 147 18.76 -11.70 -24.20
C GLN A 147 18.66 -12.98 -25.01
N GLY A 148 17.96 -12.92 -26.13
CA GLY A 148 17.73 -14.06 -27.03
C GLY A 148 16.99 -15.25 -26.50
N VAL A 149 16.10 -15.10 -25.52
CA VAL A 149 15.44 -16.32 -25.09
C VAL A 149 14.43 -16.81 -26.15
N GLU A 150 14.37 -18.12 -26.31
CA GLU A 150 13.61 -18.70 -27.44
C GLU A 150 12.15 -19.02 -27.10
N LYS A 151 11.91 -19.67 -25.96
CA LYS A 151 10.58 -20.11 -25.61
C LYS A 151 10.15 -19.28 -24.38
N VAL A 152 9.14 -18.38 -24.55
CA VAL A 152 8.43 -17.71 -23.44
C VAL A 152 6.96 -18.12 -23.35
N TYR A 153 6.58 -18.67 -22.21
CA TYR A 153 5.18 -19.02 -21.93
C TYR A 153 4.59 -18.09 -20.86
N VAL A 154 3.46 -17.43 -21.19
CA VAL A 154 2.79 -16.55 -20.28
C VAL A 154 1.56 -17.24 -19.71
N HIS A 155 1.47 -17.22 -18.38
CA HIS A 155 0.34 -17.80 -17.69
C HIS A 155 -0.47 -16.64 -17.15
N ALA A 156 -1.63 -16.41 -17.77
CA ALA A 156 -2.38 -15.19 -17.45
C ALA A 156 -3.35 -15.50 -16.30
N PHE A 157 -3.31 -14.69 -15.25
CA PHE A 157 -4.30 -14.69 -14.20
C PHE A 157 -5.17 -13.45 -14.40
N LEU A 158 -6.47 -13.66 -14.48
CA LEU A 158 -7.36 -12.65 -14.92
C LEU A 158 -7.96 -11.92 -13.73
N ASP A 159 -8.17 -10.61 -13.89
CA ASP A 159 -8.49 -9.72 -12.73
C ASP A 159 -9.99 -9.59 -12.48
N GLY A 160 -10.59 -8.52 -12.98
CA GLY A 160 -12.05 -8.32 -12.87
C GLY A 160 -12.45 -7.76 -11.51
N ARG A 161 -11.44 -7.60 -10.61
CA ARG A 161 -11.67 -7.21 -9.23
C ARG A 161 -11.00 -5.89 -8.93
N ASP A 162 -9.76 -5.68 -9.33
CA ASP A 162 -9.19 -4.33 -9.17
C ASP A 162 -9.45 -3.45 -10.38
N VAL A 163 -10.20 -3.89 -11.38
CA VAL A 163 -10.55 -3.18 -12.61
C VAL A 163 -11.97 -3.69 -12.92
N ASP A 164 -12.59 -3.17 -13.98
CA ASP A 164 -13.96 -3.57 -14.39
C ASP A 164 -14.06 -5.10 -14.48
N GLN A 165 -15.23 -5.61 -14.07
CA GLN A 165 -15.42 -7.06 -13.89
C GLN A 165 -15.34 -7.91 -15.17
N LYS A 166 -15.59 -7.30 -16.33
CA LYS A 166 -15.39 -7.95 -17.59
C LYS A 166 -14.51 -7.03 -18.45
N SER A 167 -13.21 -7.06 -18.22
CA SER A 167 -12.22 -6.30 -18.99
C SER A 167 -11.07 -7.14 -19.51
N ALA A 168 -11.03 -8.45 -19.23
CA ALA A 168 -9.88 -9.28 -19.60
C ALA A 168 -9.54 -9.30 -21.09
N LEU A 169 -10.55 -9.19 -21.97
CA LEU A 169 -10.32 -9.29 -23.40
C LEU A 169 -9.44 -8.21 -23.94
N LYS A 170 -9.62 -7.01 -23.40
CA LYS A 170 -8.76 -5.90 -23.71
C LYS A 170 -7.26 -6.12 -23.35
N TYR A 171 -6.96 -6.69 -22.18
CA TYR A 171 -5.58 -6.87 -21.80
C TYR A 171 -5.02 -8.02 -22.61
N ILE A 172 -5.85 -9.02 -22.87
CA ILE A 172 -5.38 -10.16 -23.63
C ILE A 172 -5.05 -9.68 -25.07
N GLU A 173 -5.93 -8.89 -25.66
CA GLU A 173 -5.71 -8.41 -27.03
C GLU A 173 -4.39 -7.64 -27.15
N GLU A 174 -4.21 -6.68 -26.28
CA GLU A 174 -3.02 -5.85 -26.29
C GLU A 174 -1.78 -6.70 -26.03
N THR A 175 -1.90 -7.72 -25.18
CA THR A 175 -0.77 -8.64 -24.96
C THR A 175 -0.46 -9.52 -26.23
N GLU A 176 -1.49 -10.01 -26.88
CA GLU A 176 -1.30 -10.74 -28.13
C GLU A 176 -0.56 -9.85 -29.16
N ALA A 177 -0.97 -8.59 -29.28
CA ALA A 177 -0.32 -7.68 -30.21
C ALA A 177 1.17 -7.52 -29.79
N LYS A 178 1.43 -7.42 -28.46
CA LYS A 178 2.83 -7.42 -28.00
C LYS A 178 3.66 -8.65 -28.43
N PHE A 179 3.12 -9.89 -28.32
CA PHE A 179 3.86 -11.06 -28.68
C PHE A 179 4.27 -10.97 -30.18
N ASN A 180 3.30 -10.54 -30.98
CA ASN A 180 3.50 -10.32 -32.42
C ASN A 180 4.48 -9.23 -32.76
N GLU A 181 4.35 -8.08 -32.12
CA GLU A 181 5.33 -7.01 -32.24
C GLU A 181 6.75 -7.42 -31.86
N LEU A 182 6.94 -8.28 -30.87
CA LEU A 182 8.33 -8.62 -30.46
C LEU A 182 8.83 -9.97 -31.04
N GLY A 183 7.93 -10.73 -31.62
CA GLY A 183 8.27 -12.05 -32.11
C GLY A 183 8.62 -13.03 -31.00
N ILE A 184 8.08 -12.83 -29.81
CA ILE A 184 8.36 -13.74 -28.68
C ILE A 184 7.11 -13.80 -27.76
N GLY A 185 6.88 -14.96 -27.17
CA GLY A 185 5.91 -15.16 -26.11
C GLY A 185 4.61 -15.68 -26.68
N GLN A 186 3.83 -16.38 -25.83
CA GLN A 186 2.52 -16.87 -26.18
C GLN A 186 1.82 -17.16 -24.86
N PHE A 187 0.49 -17.13 -24.94
CA PHE A 187 -0.24 -17.53 -23.77
C PHE A 187 -0.27 -19.01 -23.73
N ALA A 188 0.08 -19.59 -22.56
CA ALA A 188 0.05 -20.98 -22.39
C ALA A 188 -1.13 -21.48 -21.56
N SER A 189 -1.61 -20.66 -20.61
CA SER A 189 -2.73 -21.04 -19.76
C SER A 189 -3.35 -19.74 -19.32
N VAL A 190 -4.61 -19.82 -18.92
CA VAL A 190 -5.42 -18.68 -18.53
C VAL A 190 -6.32 -19.12 -17.36
N SER A 191 -6.28 -18.37 -16.28
CA SER A 191 -6.95 -18.71 -15.03
C SER A 191 -7.53 -17.45 -14.33
N GLY A 192 -8.75 -17.50 -13.85
CA GLY A 192 -9.26 -16.46 -12.97
C GLY A 192 -8.44 -16.32 -11.70
N ARG A 193 -8.25 -15.11 -11.24
CA ARG A 193 -7.56 -14.88 -9.98
C ARG A 193 -8.19 -15.62 -8.78
N TYR A 194 -9.46 -16.01 -8.89
CA TYR A 194 -10.10 -16.85 -7.86
C TYR A 194 -9.35 -18.16 -7.63
N TYR A 195 -8.69 -18.65 -8.67
CA TYR A 195 -8.01 -19.93 -8.65
C TYR A 195 -6.53 -19.75 -8.42
N ALA A 196 -5.91 -18.91 -9.22
CA ALA A 196 -4.47 -18.73 -9.17
C ALA A 196 -4.01 -17.83 -7.97
N MET A 197 -4.89 -17.00 -7.48
CA MET A 197 -4.54 -15.98 -6.49
C MET A 197 -5.45 -16.06 -5.25
N ASP A 198 -5.84 -17.29 -4.90
CA ASP A 198 -6.55 -17.54 -3.65
C ASP A 198 -5.56 -17.20 -2.47
N ARG A 199 -6.08 -16.72 -1.34
CA ARG A 199 -5.27 -16.51 -0.12
C ARG A 199 -5.86 -17.14 1.16
N ASP A 200 -6.75 -18.12 1.04
CA ASP A 200 -7.45 -18.65 2.21
C ASP A 200 -7.24 -20.16 2.24
N LYS A 201 -6.10 -20.60 1.70
CA LYS A 201 -5.69 -21.99 1.77
C LYS A 201 -6.70 -22.88 1.12
N ARG A 202 -7.42 -22.36 0.11
CA ARG A 202 -8.39 -23.20 -0.64
C ARG A 202 -7.57 -23.87 -1.73
N TRP A 203 -6.83 -24.89 -1.31
CA TRP A 203 -5.92 -25.61 -2.18
C TRP A 203 -6.59 -26.24 -3.37
N GLU A 204 -7.86 -26.64 -3.25
CA GLU A 204 -8.56 -27.20 -4.41
C GLU A 204 -8.64 -26.21 -5.60
N ARG A 205 -8.82 -24.92 -5.30
CA ARG A 205 -8.92 -23.90 -6.35
C ARG A 205 -7.56 -23.69 -7.00
N GLU A 206 -6.53 -23.51 -6.18
CA GLU A 206 -5.16 -23.47 -6.67
C GLU A 206 -4.76 -24.69 -7.56
N GLU A 207 -5.18 -25.89 -7.18
CA GLU A 207 -4.79 -27.10 -7.94
C GLU A 207 -5.31 -27.02 -9.41
N LYS A 208 -6.47 -26.36 -9.57
CA LYS A 208 -7.02 -26.18 -10.92
C LYS A 208 -6.14 -25.27 -11.77
N ALA A 209 -5.68 -24.18 -11.17
CA ALA A 209 -4.76 -23.32 -11.84
C ALA A 209 -3.44 -24.04 -12.10
N TYR A 210 -2.86 -24.67 -11.09
CA TYR A 210 -1.61 -25.48 -11.25
C TYR A 210 -1.70 -26.45 -12.40
N ASN A 211 -2.80 -27.17 -12.45
CA ASN A 211 -3.02 -28.20 -13.50
C ASN A 211 -3.08 -27.63 -14.90
N ALA A 212 -3.54 -26.37 -15.04
CA ALA A 212 -3.62 -25.74 -16.34
C ALA A 212 -2.21 -25.22 -16.67
N ILE A 213 -1.58 -24.51 -15.73
CA ILE A 213 -0.22 -24.03 -15.94
C ILE A 213 0.69 -25.19 -16.43
N ARG A 214 0.58 -26.36 -15.78
CA ARG A 214 1.48 -27.48 -16.06
C ARG A 214 1.07 -28.38 -17.21
N ASN A 215 -0.01 -28.04 -17.95
CA ASN A 215 -0.51 -28.91 -19.01
C ASN A 215 -0.91 -30.29 -18.49
N PHE A 216 -1.40 -30.36 -17.28
CA PHE A 216 -1.82 -31.63 -16.72
C PHE A 216 -3.28 -32.00 -16.94
N ASP A 217 -4.16 -31.11 -16.56
CA ASP A 217 -5.55 -31.40 -16.63
C ASP A 217 -6.35 -30.13 -16.58
N ALA A 218 -7.05 -29.84 -17.67
CA ALA A 218 -7.85 -28.62 -17.80
C ALA A 218 -8.54 -28.65 -19.19
N PRO A 219 -9.62 -27.91 -19.34
CA PRO A 219 -10.19 -27.57 -20.65
C PRO A 219 -9.15 -26.94 -21.53
N THR A 220 -9.27 -27.12 -22.85
CA THR A 220 -8.39 -26.42 -23.78
C THR A 220 -9.17 -25.58 -24.80
N TYR A 221 -8.59 -24.47 -25.20
CA TYR A 221 -9.25 -23.57 -26.17
C TYR A 221 -8.18 -23.14 -27.08
N ALA A 222 -8.54 -22.68 -28.28
CA ALA A 222 -7.55 -22.42 -29.32
C ALA A 222 -6.85 -21.12 -29.02
N THR A 223 -7.56 -20.24 -28.31
CA THR A 223 -6.98 -18.91 -27.99
C THR A 223 -7.46 -18.50 -26.62
N ALA A 224 -6.71 -17.59 -26.01
CA ALA A 224 -7.11 -17.01 -24.75
C ALA A 224 -8.48 -16.31 -24.87
N LYS A 225 -8.68 -15.51 -25.92
CA LYS A 225 -10.00 -14.87 -26.18
C LYS A 225 -11.08 -15.93 -26.18
N GLU A 226 -10.87 -17.03 -26.90
CA GLU A 226 -11.94 -18.03 -27.06
C GLU A 226 -12.38 -18.60 -25.70
N GLY A 227 -11.43 -18.92 -24.81
CA GLY A 227 -11.82 -19.43 -23.50
C GLY A 227 -12.55 -18.44 -22.61
N VAL A 228 -12.09 -17.21 -22.67
CA VAL A 228 -12.72 -16.13 -21.91
C VAL A 228 -14.20 -15.87 -22.40
N GLU A 229 -14.43 -15.85 -23.71
CA GLU A 229 -15.77 -15.62 -24.28
C GLU A 229 -16.69 -16.76 -23.87
N ALA A 230 -16.14 -17.98 -23.90
CA ALA A 230 -16.90 -19.17 -23.49
C ALA A 230 -17.32 -19.04 -22.02
N SER A 231 -16.37 -18.60 -21.20
CA SER A 231 -16.67 -18.32 -19.79
C SER A 231 -17.79 -17.28 -19.64
N TYR A 232 -17.63 -16.18 -20.32
CA TYR A 232 -18.63 -15.11 -20.30
C TYR A 232 -20.03 -15.68 -20.69
N ASN A 233 -20.04 -16.51 -21.70
CA ASN A 233 -21.27 -17.18 -22.13
C ASN A 233 -21.96 -18.03 -21.11
N GLU A 234 -21.21 -18.55 -20.16
CA GLU A 234 -21.71 -19.28 -19.05
C GLU A 234 -21.99 -18.39 -17.86
N GLY A 235 -21.82 -17.09 -17.99
CA GLY A 235 -22.06 -16.18 -16.83
C GLY A 235 -20.92 -16.07 -15.84
N LEU A 236 -19.71 -16.47 -16.24
CA LEU A 236 -18.57 -16.41 -15.36
C LEU A 236 -17.61 -15.31 -15.77
N THR A 237 -17.54 -14.24 -14.98
CA THR A 237 -16.68 -13.09 -15.35
C THR A 237 -15.22 -13.34 -14.99
N ASP A 238 -14.36 -12.37 -15.36
CA ASP A 238 -12.89 -12.51 -15.33
C ASP A 238 -12.35 -13.27 -14.11
N GLU A 239 -12.78 -12.79 -12.92
CA GLU A 239 -12.20 -13.25 -11.69
C GLU A 239 -12.39 -14.75 -11.57
N PHE A 240 -13.50 -15.29 -12.15
CA PHE A 240 -13.95 -16.65 -11.90
C PHE A 240 -13.72 -17.58 -13.09
N VAL A 241 -12.99 -17.12 -14.09
CA VAL A 241 -12.70 -17.97 -15.23
C VAL A 241 -11.97 -19.25 -14.80
N VAL A 242 -12.53 -20.37 -15.22
CA VAL A 242 -11.99 -21.69 -14.84
C VAL A 242 -10.72 -21.91 -15.61
N PRO A 243 -9.65 -22.32 -14.91
CA PRO A 243 -8.43 -22.38 -15.64
C PRO A 243 -8.47 -23.27 -16.88
N PHE A 244 -7.81 -22.75 -17.91
CA PHE A 244 -7.73 -23.44 -19.19
C PHE A 244 -6.38 -23.34 -19.84
N ILE A 245 -6.08 -24.34 -20.69
CA ILE A 245 -4.88 -24.40 -21.49
C ILE A 245 -5.12 -23.92 -22.91
N VAL A 246 -4.13 -23.25 -23.49
CA VAL A 246 -4.27 -22.81 -24.81
C VAL A 246 -3.64 -23.84 -25.72
N GLU A 247 -4.46 -24.43 -26.58
CA GLU A 247 -3.99 -25.48 -27.48
C GLU A 247 -2.75 -25.15 -28.29
N ASN A 248 -1.86 -26.13 -28.31
CA ASN A 248 -0.53 -26.04 -28.91
C ASN A 248 0.36 -24.97 -28.45
N GLN A 249 0.05 -24.33 -27.31
CA GLN A 249 0.89 -23.25 -26.84
C GLN A 249 1.39 -23.49 -25.41
N ASN A 250 1.24 -24.72 -24.94
CA ASN A 250 1.64 -25.13 -23.61
C ASN A 250 2.39 -26.49 -23.67
N ASP A 251 3.66 -26.48 -23.33
CA ASP A 251 4.53 -27.73 -23.30
C ASP A 251 4.97 -28.08 -21.89
N GLY A 252 4.22 -27.57 -20.91
CA GLY A 252 4.42 -27.93 -19.51
C GLY A 252 5.51 -27.13 -18.84
N VAL A 253 5.58 -27.33 -17.55
CA VAL A 253 6.75 -26.88 -16.80
C VAL A 253 7.70 -28.03 -16.48
N ASN A 254 8.88 -27.98 -17.10
CA ASN A 254 9.82 -29.11 -17.09
C ASN A 254 11.18 -28.78 -16.43
N ASP A 255 11.89 -29.83 -16.08
CA ASP A 255 13.14 -29.70 -15.35
C ASP A 255 14.04 -28.78 -16.13
N GLY A 256 14.71 -27.86 -15.44
CA GLY A 256 15.52 -26.86 -16.03
C GLY A 256 14.87 -25.52 -16.42
N ASP A 257 13.54 -25.43 -16.37
CA ASP A 257 12.79 -24.19 -16.72
C ASP A 257 13.04 -23.14 -15.65
N ALA A 258 12.67 -21.91 -15.98
CA ALA A 258 12.57 -20.80 -15.04
C ALA A 258 11.14 -20.23 -15.01
N VAL A 259 10.79 -19.67 -13.86
CA VAL A 259 9.55 -18.92 -13.69
C VAL A 259 9.87 -17.54 -13.18
N ILE A 260 9.20 -16.53 -13.75
CA ILE A 260 9.19 -15.20 -13.14
C ILE A 260 7.77 -14.79 -12.85
N PHE A 261 7.48 -14.51 -11.60
CA PHE A 261 6.16 -14.07 -11.11
C PHE A 261 6.18 -12.57 -10.90
N TYR A 262 5.46 -11.82 -11.72
CA TYR A 262 5.60 -10.38 -11.66
C TYR A 262 4.69 -9.68 -10.64
N ASN A 263 3.76 -10.40 -9.99
CA ASN A 263 2.99 -9.80 -8.88
C ASN A 263 3.96 -9.25 -7.84
N PHE A 264 3.67 -8.09 -7.26
CA PHE A 264 4.51 -7.58 -6.20
C PHE A 264 3.86 -7.62 -4.79
N ARG A 265 2.58 -7.95 -4.75
CA ARG A 265 1.84 -8.02 -3.48
C ARG A 265 1.90 -9.43 -2.94
N PRO A 266 2.39 -9.63 -1.72
CA PRO A 266 2.58 -11.01 -1.33
C PRO A 266 1.33 -11.87 -1.08
N ASP A 267 0.27 -11.32 -0.51
CA ASP A 267 -0.72 -12.25 0.06
C ASP A 267 -1.32 -13.25 -0.95
N ARG A 268 -1.58 -12.77 -2.15
CA ARG A 268 -2.29 -13.67 -3.09
C ARG A 268 -1.34 -14.41 -4.07
N ALA A 269 -0.04 -14.11 -4.01
CA ALA A 269 0.98 -14.79 -4.85
C ALA A 269 1.71 -15.90 -4.06
N ALA A 270 1.65 -15.84 -2.75
CA ALA A 270 2.34 -16.83 -1.91
C ALA A 270 1.92 -18.23 -2.15
N GLN A 271 0.63 -18.48 -2.27
CA GLN A 271 0.17 -19.89 -2.25
C GLN A 271 0.63 -20.67 -3.47
N LEU A 272 0.42 -20.07 -4.66
CA LEU A 272 0.83 -20.71 -5.89
C LEU A 272 2.37 -20.91 -5.89
N SER A 273 3.11 -19.93 -5.35
CA SER A 273 4.55 -19.99 -5.26
C SER A 273 4.96 -21.13 -4.30
N GLU A 274 4.21 -21.41 -3.23
CA GLU A 274 4.57 -22.57 -2.40
C GLU A 274 4.36 -23.89 -3.14
N ILE A 275 3.38 -23.91 -3.99
CA ILE A 275 3.08 -25.13 -4.74
C ILE A 275 4.32 -25.54 -5.57
N PHE A 276 4.95 -24.55 -6.17
CA PHE A 276 6.07 -24.79 -7.09
C PHE A 276 7.42 -24.82 -6.40
N ALA A 277 7.58 -24.04 -5.32
CA ALA A 277 8.92 -23.79 -4.80
C ALA A 277 9.09 -23.87 -3.27
N ASN A 278 8.07 -24.40 -2.58
CA ASN A 278 8.17 -24.84 -1.17
C ASN A 278 8.33 -26.36 -1.15
N ARG A 279 9.54 -26.85 -0.82
CA ARG A 279 9.86 -28.28 -0.90
C ARG A 279 8.98 -29.07 0.07
N ALA A 280 8.49 -28.39 1.09
CA ALA A 280 7.62 -28.94 2.14
C ALA A 280 6.12 -28.85 1.82
N PHE A 281 5.77 -28.25 0.69
CA PHE A 281 4.34 -28.04 0.40
C PHE A 281 3.59 -29.34 0.55
N GLU A 282 2.44 -29.32 1.24
CA GLU A 282 1.56 -30.52 1.37
C GLU A 282 0.07 -30.16 1.15
N GLY A 283 -0.25 -29.03 0.53
CA GLY A 283 -1.66 -28.70 0.30
C GLY A 283 -2.39 -29.71 -0.52
N PHE A 284 -1.65 -30.29 -1.47
CA PHE A 284 -2.03 -31.47 -2.21
C PHE A 284 -0.71 -32.13 -2.67
N LYS A 285 -0.79 -33.36 -3.18
CA LYS A 285 0.41 -34.05 -3.65
C LYS A 285 0.91 -33.50 -4.94
N VAL A 286 2.22 -33.30 -5.00
CA VAL A 286 2.93 -32.76 -6.17
C VAL A 286 4.24 -33.49 -6.43
N GLU A 287 4.72 -33.52 -7.68
CA GLU A 287 6.11 -33.84 -8.01
C GLU A 287 6.66 -32.51 -8.52
N GLN A 288 7.44 -31.82 -7.65
CA GLN A 288 7.97 -30.51 -7.95
C GLN A 288 8.98 -30.50 -9.07
N VAL A 289 9.11 -29.43 -9.82
CA VAL A 289 9.98 -29.45 -10.95
C VAL A 289 11.43 -29.45 -10.45
N LYS A 290 12.34 -30.20 -11.11
CA LYS A 290 13.76 -30.20 -10.71
C LYS A 290 14.51 -29.12 -11.45
N ASP A 291 15.49 -28.52 -10.80
CA ASP A 291 16.37 -27.53 -11.41
C ASP A 291 15.56 -26.30 -11.92
N LEU A 292 14.56 -25.90 -11.13
CA LEU A 292 13.63 -24.82 -11.49
C LEU A 292 14.18 -23.52 -10.95
N PHE A 293 14.37 -22.49 -11.75
CA PHE A 293 14.79 -21.22 -11.21
C PHE A 293 13.50 -20.39 -11.01
N TYR A 294 13.20 -20.04 -9.76
CA TYR A 294 11.90 -19.49 -9.41
C TYR A 294 12.12 -18.10 -8.89
N ALA A 295 11.77 -17.12 -9.69
CA ALA A 295 11.95 -15.74 -9.28
C ALA A 295 10.63 -15.02 -8.97
N THR A 296 10.58 -14.33 -7.83
CA THR A 296 9.41 -13.47 -7.45
C THR A 296 9.76 -12.00 -7.41
N PHE A 297 8.83 -11.13 -7.80
CA PHE A 297 9.19 -9.73 -7.92
C PHE A 297 9.48 -9.17 -6.51
N THR A 298 8.77 -9.67 -5.54
CA THR A 298 9.07 -9.33 -4.14
C THR A 298 9.07 -10.66 -3.40
N LYS A 299 9.44 -10.58 -2.13
CA LYS A 299 9.45 -11.69 -1.28
C LYS A 299 8.08 -12.02 -0.71
N TYR A 300 7.48 -13.16 -1.11
CA TYR A 300 6.05 -13.37 -0.73
C TYR A 300 5.90 -13.92 0.69
N ASN A 301 6.79 -14.84 1.08
CA ASN A 301 6.94 -15.25 2.46
C ASN A 301 8.28 -15.99 2.56
N ASP A 302 8.51 -16.66 3.68
CA ASP A 302 9.82 -17.28 3.98
C ASP A 302 9.92 -18.77 3.71
N ASN A 303 8.80 -19.40 3.34
CA ASN A 303 8.78 -20.77 2.98
C ASN A 303 8.88 -21.00 1.45
N ILE A 304 9.28 -19.99 0.68
CA ILE A 304 9.38 -20.18 -0.77
C ILE A 304 10.85 -19.99 -1.12
N ASP A 305 11.45 -20.97 -1.77
CA ASP A 305 12.81 -20.90 -2.22
C ASP A 305 12.82 -20.13 -3.53
N ALA A 306 12.93 -18.81 -3.43
CA ALA A 306 12.88 -17.96 -4.61
C ALA A 306 13.99 -16.93 -4.63
N ALA A 307 14.43 -16.61 -5.83
CA ALA A 307 15.22 -15.42 -6.04
C ALA A 307 14.29 -14.22 -6.07
N ILE A 308 14.64 -13.16 -5.35
CA ILE A 308 13.79 -11.99 -5.19
C ILE A 308 14.29 -10.84 -6.01
N VAL A 309 13.47 -10.37 -6.94
CA VAL A 309 13.87 -9.37 -7.89
C VAL A 309 14.01 -7.97 -7.24
N PHE A 310 13.05 -7.57 -6.39
CA PHE A 310 13.11 -6.26 -5.77
C PHE A 310 13.06 -6.47 -4.27
N GLU A 311 14.24 -6.41 -3.65
CA GLU A 311 14.40 -6.81 -2.24
C GLU A 311 13.89 -5.70 -1.34
N LYS A 312 13.39 -6.01 -0.13
CA LYS A 312 12.91 -4.93 0.71
C LYS A 312 14.05 -4.07 1.15
N VAL A 313 13.81 -2.76 1.11
CA VAL A 313 14.75 -1.80 1.68
C VAL A 313 14.39 -1.37 3.10
N ASP A 314 15.32 -1.54 4.01
CA ASP A 314 15.10 -1.04 5.35
C ASP A 314 15.26 0.48 5.39
N LEU A 315 14.50 1.10 6.24
CA LEU A 315 14.52 2.53 6.32
C LEU A 315 15.31 2.88 7.58
N ASN A 316 16.40 3.62 7.44
CA ASN A 316 17.24 3.99 8.57
C ASN A 316 16.83 5.42 8.96
N ASN A 317 16.92 5.76 10.22
CA ASN A 317 16.70 7.14 10.70
C ASN A 317 15.26 7.66 10.44
N THR A 318 14.27 6.80 10.71
CA THR A 318 12.92 7.27 10.87
C THR A 318 12.89 8.12 12.14
N ILE A 319 11.80 8.82 12.32
CA ILE A 319 11.66 9.79 13.41
C ILE A 319 11.86 9.12 14.77
N GLY A 320 11.31 7.95 14.93
CA GLY A 320 11.48 7.25 16.19
C GLY A 320 12.95 6.88 16.50
N GLU A 321 13.72 6.58 15.46
CA GLU A 321 15.11 6.18 15.66
C GLU A 321 15.94 7.42 16.00
N ILE A 322 15.65 8.52 15.32
CA ILE A 322 16.34 9.77 15.65
C ILE A 322 16.05 10.21 17.09
N ALA A 323 14.80 10.10 17.49
CA ALA A 323 14.43 10.39 18.87
C ALA A 323 15.26 9.55 19.87
N GLN A 324 15.30 8.26 19.65
CA GLN A 324 16.08 7.35 20.46
C GLN A 324 17.51 7.80 20.54
N ASN A 325 18.07 8.15 19.39
CA ASN A 325 19.45 8.49 19.32
C ASN A 325 19.78 9.88 19.85
N ASN A 326 18.76 10.71 20.17
CA ASN A 326 18.99 11.89 20.95
C ASN A 326 18.54 11.76 22.39
N ASN A 327 18.39 10.52 22.84
CA ASN A 327 17.96 10.27 24.18
C ASN A 327 16.65 10.90 24.53
N LEU A 328 15.71 10.92 23.57
CA LEU A 328 14.36 11.40 23.86
C LEU A 328 13.45 10.21 24.19
N THR A 329 12.38 10.49 24.85
CA THR A 329 11.32 9.54 25.06
C THR A 329 10.12 9.84 24.14
N GLN A 330 9.42 8.79 23.74
CA GLN A 330 8.30 8.93 22.80
C GLN A 330 7.14 8.05 23.16
N LEU A 331 5.95 8.52 22.80
CA LEU A 331 4.72 7.75 22.89
C LEU A 331 4.07 7.62 21.50
N ARG A 332 3.62 6.41 21.18
CA ARG A 332 2.73 6.16 20.04
C ARG A 332 1.38 5.80 20.61
N ILE A 333 0.31 6.43 20.13
CA ILE A 333 -1.01 6.17 20.71
C ILE A 333 -2.13 6.30 19.68
N ALA A 334 -3.07 5.36 19.72
CA ALA A 334 -4.21 5.36 18.82
C ALA A 334 -5.15 4.23 19.26
N GLU A 335 -6.39 4.27 18.80
CA GLU A 335 -7.24 3.09 18.96
C GLU A 335 -6.86 2.04 17.90
N THR A 336 -7.39 0.83 18.09
CA THR A 336 -7.04 -0.34 17.32
C THR A 336 -6.88 -0.10 15.79
N GLU A 337 -7.86 0.58 15.20
CA GLU A 337 -7.97 0.65 13.80
C GLU A 337 -6.77 1.43 13.24
N LYS A 338 -6.08 2.26 14.05
CA LYS A 338 -4.87 2.94 13.55
C LYS A 338 -3.62 2.69 14.37
N TYR A 339 -3.71 1.66 15.23
CA TYR A 339 -2.61 1.29 16.05
C TYR A 339 -1.38 0.79 15.29
N PRO A 340 -1.57 -0.06 14.27
CA PRO A 340 -0.41 -0.48 13.46
C PRO A 340 0.25 0.72 12.72
N HIS A 341 -0.55 1.73 12.39
CA HIS A 341 -0.09 2.89 11.64
C HIS A 341 0.86 3.75 12.46
N VAL A 342 0.58 3.94 13.73
CA VAL A 342 1.34 4.83 14.63
C VAL A 342 2.50 4.03 15.28
N THR A 343 2.47 2.71 15.10
CA THR A 343 3.56 1.84 15.54
C THR A 343 4.41 1.34 14.37
N TYR A 344 4.06 0.16 13.83
CA TYR A 344 4.81 -0.52 12.80
C TYR A 344 5.13 0.39 11.59
N PHE A 345 4.10 1.03 11.02
CA PHE A 345 4.31 1.79 9.82
C PHE A 345 5.10 3.11 10.08
N MET A 346 4.74 3.78 11.16
CA MET A 346 5.50 4.96 11.65
C MET A 346 6.99 4.70 11.87
N SER A 347 7.32 3.49 12.32
CA SER A 347 8.70 3.11 12.63
C SER A 347 9.41 2.49 11.39
N GLY A 348 8.78 2.64 10.22
CA GLY A 348 9.33 2.23 8.94
C GLY A 348 9.14 0.75 8.70
N GLY A 349 8.08 0.17 9.26
CA GLY A 349 7.80 -1.24 9.03
C GLY A 349 8.65 -2.08 9.97
N ARG A 350 8.61 -1.71 11.23
CA ARG A 350 9.43 -2.31 12.27
C ARG A 350 8.50 -2.50 13.45
N ASN A 351 8.33 -3.74 13.92
CA ASN A 351 7.54 -3.96 15.13
C ASN A 351 8.22 -3.57 16.45
N GLU A 352 9.52 -3.77 16.55
CA GLU A 352 10.23 -3.55 17.84
C GLU A 352 10.19 -2.10 18.32
N GLU A 353 9.95 -1.88 19.58
CA GLU A 353 10.02 -0.51 20.16
C GLU A 353 11.44 0.02 20.15
N PHE A 354 11.64 1.31 19.88
CA PHE A 354 12.94 1.95 20.09
C PHE A 354 13.18 2.11 21.59
N LYS A 355 14.43 2.29 21.99
CA LYS A 355 14.75 2.63 23.38
C LYS A 355 14.10 4.00 23.65
N GLY A 356 13.38 4.06 24.75
CA GLY A 356 12.68 5.21 25.21
C GLY A 356 11.27 5.27 24.61
N GLU A 357 10.91 4.36 23.73
CA GLU A 357 9.52 4.27 23.19
C GLU A 357 8.57 3.55 24.15
N ARG A 358 7.42 4.16 24.44
CA ARG A 358 6.28 3.44 24.99
C ARG A 358 5.04 3.67 24.04
N ARG A 359 4.06 2.77 24.19
CA ARG A 359 2.91 2.65 23.33
C ARG A 359 1.60 2.58 24.07
N ARG A 360 0.54 3.15 23.51
CA ARG A 360 -0.76 2.97 24.15
C ARG A 360 -1.79 2.55 23.13
N LEU A 361 -2.37 1.36 23.32
CA LEU A 361 -3.43 0.83 22.45
C LEU A 361 -4.73 0.99 23.17
N ILE A 362 -5.71 1.64 22.52
CA ILE A 362 -7.09 1.76 23.03
C ILE A 362 -7.96 0.90 22.15
N ASP A 363 -8.85 0.07 22.74
CA ASP A 363 -9.69 -0.87 21.95
C ASP A 363 -10.72 -0.08 21.20
N SER A 364 -10.79 -0.29 19.90
CA SER A 364 -11.86 0.23 19.09
C SER A 364 -13.17 -0.50 19.43
N PRO A 365 -14.30 0.14 19.19
CA PRO A 365 -15.56 -0.66 19.39
C PRO A 365 -15.67 -1.76 18.38
N LYS A 366 -16.43 -2.82 18.74
CA LYS A 366 -16.67 -3.96 17.90
C LYS A 366 -18.00 -3.82 17.18
N VAL A 367 -18.02 -3.09 16.12
CA VAL A 367 -19.18 -2.96 15.28
C VAL A 367 -18.74 -3.25 13.90
N ALA A 368 -19.66 -3.65 13.05
CA ALA A 368 -19.36 -3.90 11.69
C ALA A 368 -18.97 -2.65 10.94
N THR A 369 -19.65 -1.55 11.26
CA THR A 369 -19.35 -0.27 10.57
C THR A 369 -19.43 0.86 11.59
N TYR A 370 -18.55 1.84 11.43
CA TYR A 370 -18.35 2.82 12.49
C TYR A 370 -19.33 3.97 12.47
N ASP A 371 -20.23 4.04 11.45
CA ASP A 371 -21.29 4.99 11.54
C ASP A 371 -22.12 4.67 12.80
N LEU A 372 -22.12 3.41 13.30
CA LEU A 372 -22.91 3.11 14.55
C LEU A 372 -22.39 3.70 15.83
N LYS A 373 -21.12 4.15 15.85
CA LYS A 373 -20.56 4.83 16.98
C LYS A 373 -19.49 5.83 16.50
N PRO A 374 -19.90 7.02 16.06
CA PRO A 374 -19.00 7.93 15.32
C PRO A 374 -17.88 8.42 16.17
N GLU A 375 -18.12 8.55 17.48
CA GLU A 375 -17.05 8.86 18.38
C GLU A 375 -16.00 7.76 18.57
N MET A 376 -16.28 6.57 18.08
CA MET A 376 -15.46 5.42 18.28
C MET A 376 -14.88 5.39 19.71
N SER A 377 -13.59 5.20 19.84
CA SER A 377 -12.96 5.35 21.13
C SER A 377 -12.10 6.59 21.25
N ALA A 378 -12.47 7.66 20.55
CA ALA A 378 -11.66 8.87 20.61
C ALA A 378 -11.54 9.45 22.04
N TYR A 379 -12.63 9.51 22.78
CA TYR A 379 -12.59 10.02 24.16
C TYR A 379 -11.66 9.21 25.08
N GLU A 380 -11.61 7.88 24.94
CA GLU A 380 -10.71 7.06 25.72
CA GLU A 380 -10.69 7.03 25.71
C GLU A 380 -9.23 7.27 25.25
N VAL A 381 -9.03 7.47 23.96
CA VAL A 381 -7.72 7.81 23.44
C VAL A 381 -7.28 9.16 24.08
N LYS A 382 -8.15 10.15 24.03
CA LYS A 382 -7.85 11.47 24.61
C LYS A 382 -7.49 11.36 26.09
N ASP A 383 -8.26 10.55 26.85
CA ASP A 383 -8.01 10.39 28.28
C ASP A 383 -6.70 9.68 28.59
N ALA A 384 -6.38 8.64 27.80
CA ALA A 384 -5.06 8.05 27.88
C ALA A 384 -3.98 9.06 27.63
N LEU A 385 -4.17 9.93 26.66
CA LEU A 385 -3.07 10.86 26.33
C LEU A 385 -2.91 11.86 27.48
N LEU A 386 -4.01 12.36 27.99
CA LEU A 386 -3.92 13.22 29.17
C LEU A 386 -3.15 12.60 30.32
N GLU A 387 -3.44 11.36 30.66
CA GLU A 387 -2.73 10.65 31.74
C GLU A 387 -1.23 10.58 31.39
N GLU A 388 -0.91 10.18 30.13
CA GLU A 388 0.49 10.18 29.74
C GLU A 388 1.16 11.59 29.85
N LEU A 389 0.51 12.65 29.37
CA LEU A 389 1.11 14.00 29.43
C LEU A 389 1.36 14.49 30.86
N ASN A 390 0.46 14.09 31.77
CA ASN A 390 0.58 14.42 33.20
C ASN A 390 1.73 13.81 33.91
N LYS A 391 2.33 12.77 33.34
CA LYS A 391 3.55 12.24 33.81
C LYS A 391 4.72 13.15 33.56
N GLY A 392 4.64 14.01 32.55
CA GLY A 392 5.73 14.98 32.34
C GLY A 392 7.05 14.44 31.77
N ASP A 393 7.09 13.17 31.35
CA ASP A 393 8.33 12.57 30.92
C ASP A 393 8.41 12.35 29.42
N LEU A 394 7.48 12.90 28.63
CA LEU A 394 7.49 12.70 27.17
C LEU A 394 8.14 13.82 26.39
N ASP A 395 9.09 13.51 25.51
CA ASP A 395 9.54 14.48 24.52
C ASP A 395 8.66 14.53 23.23
N LEU A 396 8.20 13.37 22.78
CA LEU A 396 7.59 13.22 21.47
C LEU A 396 6.40 12.35 21.59
N ILE A 397 5.32 12.80 20.96
CA ILE A 397 4.07 12.07 20.93
C ILE A 397 3.60 11.92 19.46
N ILE A 398 3.19 10.71 19.09
CA ILE A 398 2.61 10.47 17.78
C ILE A 398 1.22 9.87 18.05
N LEU A 399 0.19 10.65 17.76
CA LEU A 399 -1.19 10.36 18.04
C LEU A 399 -1.97 10.37 16.74
N ASN A 400 -2.92 9.47 16.62
CA ASN A 400 -3.81 9.38 15.50
C ASN A 400 -5.18 9.26 16.05
N PHE A 401 -6.07 10.16 15.61
CA PHE A 401 -7.52 9.98 15.76
C PHE A 401 -8.09 9.30 14.51
N ALA A 402 -8.48 8.02 14.65
CA ALA A 402 -9.01 7.24 13.52
C ALA A 402 -10.35 7.66 12.89
N ASN A 403 -11.20 8.37 13.63
CA ASN A 403 -12.60 8.52 13.28
C ASN A 403 -12.93 9.01 11.88
N PRO A 404 -12.29 10.11 11.42
CA PRO A 404 -12.77 10.64 10.12
C PRO A 404 -12.63 9.64 8.98
N ASP A 405 -11.51 8.91 8.94
CA ASP A 405 -11.33 7.85 7.93
C ASP A 405 -12.34 6.72 8.12
N MET A 406 -12.38 6.19 9.34
CA MET A 406 -13.07 4.90 9.57
C MET A 406 -14.57 5.13 9.46
N VAL A 407 -15.08 6.27 9.93
CA VAL A 407 -16.51 6.62 9.77
C VAL A 407 -16.82 7.03 8.34
N GLY A 408 -15.94 7.82 7.75
CA GLY A 408 -16.08 8.27 6.37
C GLY A 408 -16.21 7.14 5.39
N HIS A 409 -15.57 6.00 5.66
CA HIS A 409 -15.67 4.84 4.74
C HIS A 409 -17.14 4.36 4.64
N SER A 410 -17.99 4.70 5.61
CA SER A 410 -19.40 4.31 5.58
C SER A 410 -20.15 5.04 4.45
N GLY A 411 -19.63 6.14 3.92
CA GLY A 411 -20.32 6.84 2.88
C GLY A 411 -21.57 7.58 3.36
N MET A 412 -21.68 7.78 4.66
CA MET A 412 -22.83 8.42 5.32
C MET A 412 -22.44 9.73 5.95
N LEU A 413 -23.09 10.79 5.49
CA LEU A 413 -22.71 12.11 5.85
C LEU A 413 -22.93 12.54 7.32
N GLU A 414 -24.10 12.29 7.90
CA GLU A 414 -24.33 12.79 9.25
C GLU A 414 -23.42 12.10 10.29
N PRO A 415 -23.25 10.78 10.21
CA PRO A 415 -22.34 10.15 11.16
C PRO A 415 -20.87 10.61 10.98
N THR A 416 -20.46 10.83 9.74
CA THR A 416 -19.07 11.27 9.50
C THR A 416 -18.88 12.67 10.10
N ILE A 417 -19.92 13.54 10.02
CA ILE A 417 -19.88 14.86 10.68
C ILE A 417 -19.74 14.72 12.19
N LYS A 418 -20.49 13.79 12.76
CA LYS A 418 -20.46 13.54 14.16
C LYS A 418 -19.13 12.97 14.62
N ALA A 419 -18.54 12.15 13.77
CA ALA A 419 -17.16 11.62 14.05
C ALA A 419 -16.18 12.82 14.20
N ILE A 420 -16.21 13.70 13.22
CA ILE A 420 -15.32 14.90 13.20
C ILE A 420 -15.54 15.76 14.42
N GLU A 421 -16.79 16.00 14.78
CA GLU A 421 -17.11 16.79 15.95
C GLU A 421 -16.63 16.19 17.26
N ALA A 422 -16.71 14.86 17.41
CA ALA A 422 -16.12 14.26 18.58
C ALA A 422 -14.59 14.40 18.58
N VAL A 423 -13.94 14.13 17.44
CA VAL A 423 -12.52 14.37 17.32
C VAL A 423 -12.16 15.83 17.70
N ASP A 424 -12.95 16.80 17.24
CA ASP A 424 -12.68 18.22 17.57
C ASP A 424 -12.73 18.54 19.07
N GLU A 425 -13.68 17.95 19.75
CA GLU A 425 -13.69 18.09 21.19
C GLU A 425 -12.44 17.51 21.85
N CYS A 426 -12.04 16.29 21.43
CA CYS A 426 -10.83 15.71 21.97
C CYS A 426 -9.57 16.52 21.62
N LEU A 427 -9.48 17.00 20.37
CA LEU A 427 -8.31 17.82 19.88
C LEU A 427 -8.09 19.00 20.78
N GLY A 428 -9.18 19.68 21.12
CA GLY A 428 -9.18 20.80 22.07
C GLY A 428 -8.56 20.50 23.43
N GLU A 429 -9.00 19.45 24.09
CA GLU A 429 -8.40 19.10 25.37
C GLU A 429 -6.95 18.69 25.19
N VAL A 430 -6.65 17.98 24.11
CA VAL A 430 -5.27 17.52 23.94
C VAL A 430 -4.34 18.68 23.68
N VAL A 431 -4.72 19.51 22.71
CA VAL A 431 -3.83 20.57 22.27
C VAL A 431 -3.68 21.63 23.38
N ASP A 432 -4.78 21.98 24.04
CA ASP A 432 -4.64 22.93 25.20
C ASP A 432 -3.71 22.44 26.30
N LYS A 433 -3.70 21.14 26.57
CA LYS A 433 -2.79 20.62 27.59
C LYS A 433 -1.36 20.79 27.11
N ILE A 434 -1.12 20.42 25.86
CA ILE A 434 0.21 20.52 25.33
C ILE A 434 0.69 21.99 25.47
N LEU A 435 -0.21 22.93 25.14
CA LEU A 435 0.15 24.36 25.20
C LEU A 435 0.32 24.81 26.65
N ASP A 436 -0.54 24.29 27.50
CA ASP A 436 -0.30 24.41 28.94
C ASP A 436 1.07 24.04 29.43
N MET A 437 1.65 23.03 28.79
CA MET A 437 2.93 22.53 29.15
C MET A 437 4.07 23.18 28.38
N ASP A 438 3.82 24.31 27.69
CA ASP A 438 4.82 25.03 26.87
C ASP A 438 5.35 24.16 25.71
N GLY A 439 4.45 23.36 25.15
CA GLY A 439 4.80 22.44 24.11
C GLY A 439 4.27 22.89 22.78
N TYR A 440 4.42 22.02 21.79
CA TYR A 440 4.02 22.26 20.42
C TYR A 440 3.25 21.08 19.82
N ALA A 441 2.22 21.40 19.02
CA ALA A 441 1.49 20.38 18.25
C ALA A 441 1.61 20.70 16.79
N ILE A 442 1.82 19.66 15.98
CA ILE A 442 1.54 19.71 14.58
C ILE A 442 0.24 18.92 14.31
N ILE A 443 -0.76 19.60 13.73
CA ILE A 443 -2.08 18.99 13.52
C ILE A 443 -2.25 18.78 12.05
N THR A 444 -2.51 17.54 11.60
CA THR A 444 -2.46 17.29 10.21
C THR A 444 -3.21 16.00 9.93
N ALA A 445 -2.98 15.43 8.75
CA ALA A 445 -3.62 14.16 8.35
C ALA A 445 -2.71 13.37 7.43
N ASP A 446 -3.04 12.08 7.21
CA ASP A 446 -2.23 11.16 6.40
C ASP A 446 -2.72 10.93 4.97
N HIS A 447 -3.91 11.47 4.65
CA HIS A 447 -4.56 11.48 3.34
C HIS A 447 -6.03 11.90 3.64
N GLY A 448 -6.81 12.14 2.58
CA GLY A 448 -8.22 12.55 2.75
C GLY A 448 -9.12 11.33 2.65
N ASN A 449 -10.40 11.61 2.88
CA ASN A 449 -11.53 10.63 2.88
C ASN A 449 -12.79 11.42 3.26
N SER A 450 -12.84 11.93 4.50
CA SER A 450 -14.09 12.51 5.06
C SER A 450 -14.56 13.81 4.42
N ASP A 451 -13.60 14.46 3.76
CA ASP A 451 -13.84 15.59 2.88
C ASP A 451 -14.77 15.29 1.71
N GLN A 452 -14.95 14.03 1.35
CA GLN A 452 -15.99 13.68 0.36
C GLN A 452 -16.56 12.31 0.65
N VAL A 453 -17.83 12.30 1.05
CA VAL A 453 -18.53 11.06 1.38
C VAL A 453 -19.78 10.83 0.51
N LEU A 454 -20.04 11.78 -0.40
CA LEU A 454 -21.11 11.69 -1.40
C LEU A 454 -20.56 11.95 -2.79
N THR A 455 -20.98 11.12 -3.75
CA THR A 455 -20.80 11.49 -5.16
C THR A 455 -21.56 12.77 -5.44
N ASP A 456 -21.32 13.33 -6.61
CA ASP A 456 -21.96 14.62 -6.99
C ASP A 456 -23.48 14.45 -7.19
N ASP A 457 -23.88 13.22 -7.45
CA ASP A 457 -25.30 12.86 -7.51
C ASP A 457 -25.88 12.21 -6.25
N ASP A 458 -25.23 12.38 -5.10
CA ASP A 458 -25.78 12.02 -3.77
C ASP A 458 -25.78 10.53 -3.49
N GLN A 459 -24.91 9.78 -4.11
CA GLN A 459 -24.81 8.42 -3.71
C GLN A 459 -23.69 8.37 -2.64
N PRO A 460 -23.73 7.41 -1.71
CA PRO A 460 -22.54 7.09 -0.85
C PRO A 460 -21.24 7.02 -1.63
N MET A 461 -20.16 7.62 -1.13
CA MET A 461 -18.82 7.51 -1.73
C MET A 461 -18.00 7.00 -0.53
N THR A 462 -17.23 5.93 -0.69
CA THR A 462 -16.69 5.20 0.45
C THR A 462 -15.15 5.16 0.46
N THR A 463 -14.54 6.00 -0.34
CA THR A 463 -13.09 5.88 -0.51
C THR A 463 -12.34 7.09 -0.02
N HIS A 464 -11.02 6.91 0.09
CA HIS A 464 -10.08 8.01 0.30
C HIS A 464 -10.16 9.03 -0.87
N THR A 465 -9.55 10.18 -0.70
CA THR A 465 -9.48 11.15 -1.80
C THR A 465 -8.03 11.46 -2.10
N THR A 466 -7.80 12.20 -3.20
CA THR A 466 -6.47 12.66 -3.54
C THR A 466 -6.25 14.12 -3.03
N ASN A 467 -7.15 14.66 -2.21
CA ASN A 467 -7.03 16.03 -1.75
C ASN A 467 -5.84 16.26 -0.82
N PRO A 468 -5.25 17.46 -0.91
CA PRO A 468 -4.12 17.77 0.01
C PRO A 468 -4.61 17.92 1.45
N VAL A 469 -3.72 17.82 2.41
CA VAL A 469 -4.11 17.78 3.84
C VAL A 469 -3.65 19.07 4.51
N PRO A 470 -4.42 19.55 5.52
CA PRO A 470 -4.04 20.71 6.32
C PRO A 470 -2.84 20.43 7.25
N VAL A 471 -2.11 21.48 7.53
CA VAL A 471 -1.12 21.44 8.56
C VAL A 471 -1.31 22.69 9.42
N ILE A 472 -1.35 22.52 10.75
CA ILE A 472 -1.31 23.63 11.70
C ILE A 472 -0.11 23.32 12.58
N VAL A 473 0.77 24.31 12.79
CA VAL A 473 1.88 24.16 13.71
C VAL A 473 1.72 25.20 14.83
N THR A 474 1.62 24.78 16.08
CA THR A 474 1.17 25.70 17.19
C THR A 474 2.37 26.41 17.81
N LYS A 475 3.12 27.10 16.94
CA LYS A 475 4.28 27.90 17.34
C LYS A 475 4.10 29.32 16.77
N GLU A 476 4.20 30.34 17.62
CA GLU A 476 3.87 31.72 17.22
C GLU A 476 5.06 32.44 16.55
N GLY A 477 4.75 33.31 15.62
CA GLY A 477 5.78 34.15 15.03
C GLY A 477 6.67 33.43 14.06
N VAL A 478 6.21 32.34 13.42
CA VAL A 478 6.89 31.72 12.34
C VAL A 478 5.93 31.60 11.15
N THR A 479 6.49 31.34 9.99
CA THR A 479 5.74 31.18 8.76
C THR A 479 6.03 29.80 8.19
N LEU A 480 5.00 29.10 7.69
CA LEU A 480 5.21 27.82 7.02
C LEU A 480 5.41 27.97 5.53
N ARG A 481 6.13 27.02 4.96
CA ARG A 481 6.27 26.94 3.53
C ARG A 481 4.90 26.66 2.89
N GLU A 482 4.73 27.14 1.67
CA GLU A 482 3.39 27.17 1.08
C GLU A 482 2.93 25.84 0.58
N THR A 483 3.84 24.92 0.27
CA THR A 483 3.43 23.53 0.06
C THR A 483 4.53 22.56 0.48
N GLY A 484 4.27 21.28 0.33
CA GLY A 484 5.14 20.24 0.85
C GLY A 484 4.44 18.91 0.72
N ARG A 485 4.97 17.95 1.44
CA ARG A 485 4.53 16.59 1.34
C ARG A 485 4.65 15.95 2.67
N LEU A 486 4.03 14.77 2.81
CA LEU A 486 4.14 14.10 4.10
C LEU A 486 5.53 13.91 4.64
N GLY A 487 6.47 13.55 3.75
CA GLY A 487 7.89 13.39 4.14
C GLY A 487 8.55 14.68 4.74
N ASP A 488 7.80 15.80 4.79
CA ASP A 488 8.26 17.03 5.45
C ASP A 488 7.85 17.12 6.93
N LEU A 489 6.92 16.25 7.38
CA LEU A 489 6.39 16.42 8.76
C LEU A 489 7.43 16.09 9.81
N ALA A 490 8.13 14.95 9.64
CA ALA A 490 9.14 14.58 10.58
C ALA A 490 10.29 15.61 10.66
N PRO A 491 10.76 16.13 9.51
CA PRO A 491 11.69 17.26 9.60
C PRO A 491 11.17 18.45 10.37
N THR A 492 9.89 18.78 10.24
CA THR A 492 9.27 19.83 11.02
C THR A 492 9.29 19.50 12.54
N LEU A 493 8.99 18.22 12.91
CA LEU A 493 9.10 17.81 14.29
C LEU A 493 10.52 17.98 14.84
N LEU A 494 11.52 17.53 14.12
CA LEU A 494 12.89 17.69 14.57
C LEU A 494 13.28 19.22 14.73
N ASP A 495 12.77 20.05 13.83
CA ASP A 495 12.96 21.52 13.90
C ASP A 495 12.41 22.03 15.26
N LEU A 496 11.20 21.60 15.58
CA LEU A 496 10.51 22.01 16.83
C LEU A 496 11.24 21.53 18.06
N LEU A 497 11.77 20.32 17.98
CA LEU A 497 12.56 19.75 19.05
C LEU A 497 14.00 20.22 19.08
N ASN A 498 14.45 21.01 18.13
CA ASN A 498 15.85 21.40 18.04
C ASN A 498 16.87 20.25 18.00
N VAL A 499 16.53 19.22 17.22
CA VAL A 499 17.36 18.04 17.03
C VAL A 499 17.86 18.05 15.60
N GLU A 500 19.12 17.66 15.41
CA GLU A 500 19.72 17.70 14.13
C GLU A 500 19.11 16.65 13.18
N GLN A 501 18.93 17.00 11.92
CA GLN A 501 18.28 16.15 10.96
C GLN A 501 19.36 15.41 10.20
N PRO A 502 19.39 14.07 10.21
CA PRO A 502 20.38 13.38 9.38
C PRO A 502 20.08 13.44 7.87
N GLU A 503 21.13 13.21 7.09
CA GLU A 503 21.09 13.30 5.63
C GLU A 503 20.11 12.33 4.97
N ASP A 504 19.88 11.15 5.55
CA ASP A 504 18.98 10.23 4.87
C ASP A 504 17.50 10.57 5.06
N MET A 505 17.21 11.52 5.94
CA MET A 505 15.89 12.11 5.93
C MET A 505 15.89 13.27 4.93
N THR A 506 15.39 13.06 3.72
CA THR A 506 15.53 14.07 2.70
C THR A 506 14.38 15.05 2.64
N GLY A 507 13.33 14.87 3.44
CA GLY A 507 12.29 15.93 3.49
C GLY A 507 12.81 17.24 4.10
N GLU A 508 11.97 18.25 4.15
CA GLU A 508 12.39 19.55 4.63
C GLU A 508 11.33 20.22 5.58
N SER A 509 11.82 20.81 6.66
CA SER A 509 10.98 21.43 7.67
C SER A 509 10.03 22.36 6.94
N LEU A 510 8.77 22.29 7.35
CA LEU A 510 7.79 23.24 6.90
C LEU A 510 7.99 24.65 7.48
N ILE A 511 8.75 24.81 8.53
CA ILE A 511 8.93 26.18 9.12
C ILE A 511 10.05 26.88 8.34
N LYS A 512 9.76 28.07 7.80
CA LYS A 512 10.77 28.86 7.07
C LYS A 512 11.84 29.42 8.00
N HIS A 513 13.07 29.52 7.54
CA HIS A 513 14.13 30.09 8.38
C HIS A 513 14.91 31.22 7.70
#